data_3HXQ
#
_entry.id   3HXQ
#
_cell.length_a   117.781
_cell.length_b   48.512
_cell.length_c   62.160
_cell.angle_alpha   90.00
_cell.angle_beta   90.00
_cell.angle_gamma   90.00
#
_symmetry.space_group_name_H-M   'P 21 21 2'
#
loop_
_entity.id
_entity.type
_entity.pdbx_description
1 polymer 'von Willebrand Factor'
2 polymer 'Aptamer ARC1172'
3 water water
#
loop_
_entity_poly.entity_id
_entity_poly.type
_entity_poly.pdbx_seq_one_letter_code
_entity_poly.pdbx_strand_id
1 'polypeptide(L)'
;EDISEPPLHDFYCSRLLDLVFLLDGSSRLSEAEFEVLKAFVVDMMERLRISQKWVRVAVVEYHDGSHAYIGLKDRKRPSE
LRRIASQVKYAGSQVASTSEVLKYTLFQIFSKIDRPEASRIALLLMASQEPQRMSRNFVRYVQGLKKKKVIVIPVGIGPH
ANLKQIRLIEKQAPENKAFVLSSVDELEQQRDEIVSYLCDLAPEAPPPT
;
A
2 'polydeoxyribonucleotide'
;(DG)(DG)(DC)(DG)(DT)(DG)(DC)(DA)(DG)(DT)(DG)(DC)(DC)(DT)(DT)(DC)(DG)(DG)(DC)(DC)
(DG)(DT)(DG)(DC)(DG)(DG)(DT)(DG)(DC)(DC)(DT)(DC)(DC)(DG)(DT)(DC)(DA)(DC)(DG)(DC)
(DC)(DT)
;
B
#
# COMPACT_ATOMS: atom_id res chain seq x y z
N PRO A 6 20.47 -3.15 11.40
CA PRO A 6 21.49 -2.75 10.43
C PRO A 6 20.88 -2.29 9.11
N PRO A 7 21.67 -1.57 8.29
CA PRO A 7 21.21 -1.17 6.96
C PRO A 7 21.29 -2.34 5.99
N LEU A 8 20.24 -2.54 5.20
CA LEU A 8 20.24 -3.59 4.19
C LEU A 8 21.26 -3.29 3.09
N HIS A 9 22.15 -4.24 2.83
CA HIS A 9 23.12 -4.07 1.75
C HIS A 9 22.72 -4.84 0.49
N ASP A 10 22.45 -6.13 0.64
CA ASP A 10 22.06 -6.94 -0.51
C ASP A 10 20.68 -7.55 -0.30
N PHE A 11 19.64 -6.75 -0.57
CA PHE A 11 18.27 -7.18 -0.36
C PHE A 11 17.52 -7.33 -1.68
N TYR A 12 16.84 -8.47 -1.84
CA TYR A 12 16.04 -8.76 -3.02
C TYR A 12 14.96 -9.77 -2.68
N CYS A 13 13.81 -9.26 -2.22
CA CYS A 13 12.71 -10.10 -1.76
C CYS A 13 12.27 -11.10 -2.83
N SER A 14 12.66 -12.36 -2.65
CA SER A 14 12.24 -13.42 -3.55
C SER A 14 11.28 -14.38 -2.84
N ARG A 15 10.03 -13.94 -2.68
CA ARG A 15 9.01 -14.77 -2.05
C ARG A 15 7.70 -14.68 -2.83
N LEU A 16 6.68 -15.38 -2.35
CA LEU A 16 5.37 -15.36 -2.99
C LEU A 16 4.49 -14.28 -2.36
N LEU A 17 4.36 -13.14 -3.02
CA LEU A 17 3.67 -12.01 -2.44
C LEU A 17 2.87 -11.21 -3.45
N ASP A 18 1.61 -10.92 -3.09
CA ASP A 18 0.79 -9.97 -3.82
C ASP A 18 0.82 -8.65 -3.05
N LEU A 19 1.51 -7.66 -3.61
CA LEU A 19 1.68 -6.39 -2.90
C LEU A 19 0.92 -5.26 -3.58
N VAL A 20 0.08 -4.59 -2.81
CA VAL A 20 -0.72 -3.49 -3.34
C VAL A 20 -0.33 -2.15 -2.71
N PHE A 21 -0.01 -1.18 -3.55
CA PHE A 21 0.37 0.15 -3.10
C PHE A 21 -0.79 1.12 -3.22
N LEU A 22 -1.14 1.76 -2.11
CA LEU A 22 -2.27 2.69 -2.08
C LEU A 22 -1.78 4.07 -1.67
N LEU A 23 -1.94 5.04 -2.57
CA LEU A 23 -1.36 6.36 -2.35
C LEU A 23 -2.39 7.47 -2.13
N ASP A 24 -2.45 7.97 -0.90
CA ASP A 24 -3.28 9.10 -0.51
C ASP A 24 -3.10 10.27 -1.48
N GLY A 25 -4.19 10.67 -2.13
CA GLY A 25 -4.14 11.72 -3.14
C GLY A 25 -4.63 13.08 -2.68
N SER A 26 -4.86 13.22 -1.38
CA SER A 26 -5.38 14.46 -0.83
C SER A 26 -4.36 15.59 -0.92
N SER A 27 -4.81 16.82 -0.71
CA SER A 27 -3.92 17.98 -0.74
C SER A 27 -3.15 18.10 0.58
N ARG A 28 -3.36 17.14 1.47
CA ARG A 28 -2.61 17.09 2.72
C ARG A 28 -1.13 16.98 2.43
N LEU A 29 -0.80 16.51 1.23
CA LEU A 29 0.57 16.43 0.76
C LEU A 29 0.77 17.38 -0.41
N SER A 30 1.99 17.86 -0.59
CA SER A 30 2.28 18.79 -1.68
C SER A 30 2.55 18.03 -2.97
N GLU A 31 2.96 18.76 -4.00
CA GLU A 31 3.38 18.15 -5.25
C GLU A 31 4.63 17.32 -5.01
N ALA A 32 5.63 17.95 -4.40
CA ALA A 32 6.90 17.30 -4.13
C ALA A 32 6.78 16.27 -3.01
N GLU A 33 6.01 16.59 -1.99
CA GLU A 33 5.77 15.64 -0.91
C GLU A 33 5.14 14.36 -1.45
N PHE A 34 4.33 14.52 -2.51
CA PHE A 34 3.75 13.39 -3.20
C PHE A 34 4.80 12.74 -4.11
N GLU A 35 5.72 13.57 -4.61
CA GLU A 35 6.81 13.08 -5.45
C GLU A 35 7.75 12.21 -4.63
N VAL A 36 7.97 12.60 -3.38
CA VAL A 36 8.78 11.82 -2.46
C VAL A 36 8.12 10.48 -2.15
N LEU A 37 6.80 10.50 -2.04
CA LEU A 37 6.02 9.29 -1.79
C LEU A 37 6.25 8.26 -2.89
N LYS A 38 6.27 8.74 -4.14
CA LYS A 38 6.54 7.88 -5.28
C LYS A 38 8.00 7.43 -5.28
N ALA A 39 8.88 8.33 -4.86
CA ALA A 39 10.29 7.97 -4.73
C ALA A 39 10.40 6.76 -3.79
N PHE A 40 9.67 6.82 -2.68
CA PHE A 40 9.67 5.71 -1.73
C PHE A 40 9.16 4.43 -2.38
N VAL A 41 8.11 4.56 -3.19
CA VAL A 41 7.49 3.41 -3.83
C VAL A 41 8.44 2.72 -4.80
N VAL A 42 8.88 3.45 -5.81
CA VAL A 42 9.77 2.90 -6.83
C VAL A 42 11.05 2.35 -6.21
N ASP A 43 11.63 3.10 -5.28
CA ASP A 43 12.86 2.68 -4.61
C ASP A 43 12.66 1.30 -3.99
N MET A 44 11.42 1.02 -3.59
CA MET A 44 11.11 -0.25 -2.97
C MET A 44 10.78 -1.32 -4.02
N MET A 45 10.35 -0.87 -5.19
CA MET A 45 9.99 -1.80 -6.26
C MET A 45 11.21 -2.53 -6.79
N GLU A 46 12.30 -1.80 -6.97
CA GLU A 46 13.53 -2.38 -7.47
C GLU A 46 14.18 -3.30 -6.45
N ARG A 47 13.52 -3.50 -5.32
CA ARG A 47 14.00 -4.41 -4.29
C ARG A 47 13.15 -5.68 -4.25
N LEU A 48 12.38 -5.91 -5.30
CA LEU A 48 11.42 -7.01 -5.31
C LEU A 48 11.49 -7.84 -6.60
N ARG A 49 11.42 -9.16 -6.45
CA ARG A 49 11.40 -10.06 -7.60
C ARG A 49 10.01 -10.12 -8.24
N ILE A 50 9.76 -9.21 -9.18
CA ILE A 50 8.45 -9.12 -9.83
C ILE A 50 8.24 -10.22 -10.87
N SER A 51 7.16 -10.99 -10.68
CA SER A 51 6.82 -12.09 -11.58
C SER A 51 5.47 -12.67 -11.19
N GLN A 52 4.71 -13.10 -12.19
CA GLN A 52 3.39 -13.69 -11.95
C GLN A 52 3.49 -14.96 -11.11
N LYS A 53 4.71 -15.44 -10.89
CA LYS A 53 4.93 -16.62 -10.07
C LYS A 53 5.74 -16.29 -8.83
N TRP A 54 5.83 -15.01 -8.49
CA TRP A 54 6.62 -14.57 -7.34
C TRP A 54 6.05 -13.34 -6.65
N VAL A 55 6.64 -12.18 -6.91
CA VAL A 55 6.19 -10.94 -6.29
C VAL A 55 5.39 -10.08 -7.26
N ARG A 56 4.07 -10.07 -7.10
CA ARG A 56 3.21 -9.25 -7.94
C ARG A 56 2.87 -7.94 -7.23
N VAL A 57 2.74 -6.88 -8.02
CA VAL A 57 2.53 -5.55 -7.45
C VAL A 57 1.41 -4.77 -8.12
N ALA A 58 0.66 -4.02 -7.33
CA ALA A 58 -0.38 -3.14 -7.85
C ALA A 58 -0.17 -1.72 -7.33
N VAL A 59 -0.59 -0.74 -8.13
CA VAL A 59 -0.41 0.65 -7.76
C VAL A 59 -1.69 1.45 -7.96
N VAL A 60 -2.18 2.06 -6.88
CA VAL A 60 -3.44 2.79 -6.91
C VAL A 60 -3.33 4.12 -6.17
N GLU A 61 -3.71 5.19 -6.86
CA GLU A 61 -3.85 6.51 -6.23
C GLU A 61 -5.31 6.70 -5.85
N TYR A 62 -5.57 7.07 -4.60
CA TYR A 62 -6.94 7.18 -4.13
C TYR A 62 -7.36 8.57 -3.65
N HIS A 63 -8.30 9.16 -4.38
CA HIS A 63 -8.99 10.37 -3.97
C HIS A 63 -10.40 9.95 -3.61
N ASP A 64 -11.38 10.82 -3.88
CA ASP A 64 -12.78 10.41 -3.80
C ASP A 64 -13.05 9.51 -5.00
N GLY A 65 -12.58 8.27 -4.90
CA GLY A 65 -12.53 7.37 -6.04
C GLY A 65 -11.07 7.02 -6.27
N SER A 66 -10.82 5.89 -6.92
CA SER A 66 -9.45 5.41 -7.07
C SER A 66 -9.05 5.14 -8.52
N HIS A 67 -7.84 5.57 -8.87
CA HIS A 67 -7.28 5.33 -10.20
C HIS A 67 -6.13 4.33 -10.11
N ALA A 68 -6.30 3.19 -10.77
CA ALA A 68 -5.31 2.12 -10.73
C ALA A 68 -4.33 2.24 -11.89
N TYR A 69 -3.12 2.73 -11.60
CA TYR A 69 -2.08 2.84 -12.61
C TYR A 69 -1.58 1.46 -13.01
N ILE A 70 -1.38 0.60 -12.02
CA ILE A 70 -0.88 -0.75 -12.28
C ILE A 70 -1.74 -1.82 -11.62
N GLY A 71 -2.13 -2.82 -12.40
CA GLY A 71 -2.85 -3.97 -11.88
C GLY A 71 -1.89 -5.11 -11.62
N LEU A 72 -2.25 -6.00 -10.71
CA LEU A 72 -1.38 -7.12 -10.36
C LEU A 72 -1.04 -7.97 -11.58
N LYS A 73 -1.98 -8.09 -12.51
CA LYS A 73 -1.80 -8.96 -13.66
C LYS A 73 -1.31 -8.22 -14.90
N ASP A 74 -0.98 -6.94 -14.75
CA ASP A 74 -0.53 -6.13 -15.88
C ASP A 74 0.46 -6.89 -16.77
N ARG A 75 1.29 -7.72 -16.16
CA ARG A 75 2.22 -8.57 -16.89
C ARG A 75 3.05 -7.78 -17.90
N LYS A 76 3.48 -6.59 -17.51
CA LYS A 76 4.39 -5.80 -18.33
C LYS A 76 5.82 -6.14 -17.91
N ARG A 77 6.73 -5.20 -18.16
CA ARG A 77 8.11 -5.38 -17.72
C ARG A 77 8.40 -4.49 -16.51
N PRO A 78 9.05 -5.05 -15.49
CA PRO A 78 9.33 -4.37 -14.21
C PRO A 78 9.94 -2.99 -14.38
N SER A 79 10.87 -2.86 -15.33
CA SER A 79 11.53 -1.58 -15.58
C SER A 79 10.52 -0.49 -15.98
N GLU A 80 9.39 -0.91 -16.54
CA GLU A 80 8.34 0.04 -16.90
C GLU A 80 7.31 0.17 -15.80
N LEU A 81 7.10 -0.90 -15.05
CA LEU A 81 6.20 -0.84 -13.91
C LEU A 81 6.64 0.29 -12.98
N ARG A 82 7.95 0.42 -12.84
CA ARG A 82 8.51 1.50 -12.03
C ARG A 82 8.39 2.83 -12.75
N ARG A 83 8.44 2.77 -14.08
CA ARG A 83 8.27 3.95 -14.92
C ARG A 83 6.90 4.58 -14.66
N ILE A 84 5.85 3.76 -14.76
CA ILE A 84 4.50 4.20 -14.49
C ILE A 84 4.39 4.88 -13.13
N ALA A 85 4.92 4.22 -12.10
CA ALA A 85 4.81 4.70 -10.73
C ALA A 85 5.35 6.12 -10.57
N SER A 86 6.34 6.49 -11.37
CA SER A 86 6.92 7.83 -11.30
C SER A 86 6.01 8.84 -11.99
N GLN A 87 5.32 8.39 -13.03
CA GLN A 87 4.37 9.25 -13.75
C GLN A 87 3.01 9.26 -13.09
N VAL A 88 2.99 9.16 -11.76
CA VAL A 88 1.74 9.27 -11.02
C VAL A 88 1.47 10.73 -10.68
N LYS A 89 0.36 11.24 -11.17
CA LYS A 89 0.05 12.66 -11.09
C LYS A 89 -0.43 13.08 -9.71
N TYR A 90 -0.01 14.27 -9.27
CA TYR A 90 -0.45 14.82 -8.00
C TYR A 90 -1.88 15.31 -8.11
N ALA A 91 -2.78 14.66 -7.37
CA ALA A 91 -4.20 15.00 -7.41
C ALA A 91 -4.51 16.19 -6.49
N GLY A 92 -3.97 16.14 -5.27
CA GLY A 92 -4.21 17.19 -4.29
C GLY A 92 -5.68 17.38 -3.98
N SER A 93 -6.46 16.32 -4.16
CA SER A 93 -7.89 16.38 -3.91
C SER A 93 -8.19 16.81 -2.48
N GLN A 94 -9.44 17.21 -2.23
CA GLN A 94 -9.86 17.59 -0.89
C GLN A 94 -10.25 16.36 -0.08
N VAL A 95 -10.34 15.22 -0.76
CA VAL A 95 -10.78 13.99 -0.11
C VAL A 95 -10.00 12.77 -0.60
N ALA A 96 -9.40 12.05 0.34
CA ALA A 96 -8.77 10.77 0.06
C ALA A 96 -9.46 9.68 0.88
N SER A 97 -10.43 9.02 0.26
CA SER A 97 -11.28 8.06 0.98
C SER A 97 -10.59 6.71 1.20
N THR A 98 -10.19 6.47 2.45
CA THR A 98 -9.58 5.20 2.82
C THR A 98 -10.59 4.08 2.70
N SER A 99 -11.85 4.39 3.01
CA SER A 99 -12.93 3.41 2.91
C SER A 99 -13.12 2.95 1.48
N GLU A 100 -13.30 3.92 0.58
CA GLU A 100 -13.53 3.62 -0.84
C GLU A 100 -12.43 2.76 -1.45
N VAL A 101 -11.18 3.11 -1.19
CA VAL A 101 -10.04 2.39 -1.75
C VAL A 101 -9.90 0.99 -1.14
N LEU A 102 -10.13 0.88 0.16
CA LEU A 102 -10.17 -0.42 0.81
C LEU A 102 -11.33 -1.24 0.23
N LYS A 103 -12.37 -0.52 -0.19
CA LYS A 103 -13.48 -1.17 -0.86
C LYS A 103 -13.01 -1.66 -2.22
N TYR A 104 -12.46 -0.75 -3.01
CA TYR A 104 -11.93 -1.09 -4.32
C TYR A 104 -11.02 -2.31 -4.24
N THR A 105 -10.05 -2.26 -3.33
CA THR A 105 -9.14 -3.38 -3.14
C THR A 105 -9.88 -4.69 -2.88
N LEU A 106 -10.90 -4.62 -2.02
CA LEU A 106 -11.64 -5.81 -1.63
C LEU A 106 -12.50 -6.43 -2.74
N PHE A 107 -13.12 -5.59 -3.55
CA PHE A 107 -14.04 -6.09 -4.58
C PHE A 107 -13.44 -6.13 -5.98
N GLN A 108 -12.42 -5.32 -6.22
CA GLN A 108 -11.82 -5.23 -7.54
C GLN A 108 -10.53 -6.04 -7.64
N ILE A 109 -9.60 -5.77 -6.73
CA ILE A 109 -8.30 -6.42 -6.75
C ILE A 109 -8.37 -7.87 -6.25
N PHE A 110 -8.98 -8.07 -5.08
CA PHE A 110 -9.09 -9.41 -4.51
C PHE A 110 -10.51 -9.97 -4.60
N SER A 111 -11.20 -9.67 -5.70
CA SER A 111 -12.50 -10.26 -5.96
C SER A 111 -12.33 -11.77 -6.04
N LYS A 112 -11.40 -12.21 -6.89
CA LYS A 112 -11.03 -13.61 -6.99
C LYS A 112 -9.65 -13.79 -6.39
N ILE A 113 -9.36 -15.00 -5.90
CA ILE A 113 -8.04 -15.33 -5.39
C ILE A 113 -7.18 -15.95 -6.50
N ASP A 114 -6.36 -15.12 -7.12
CA ASP A 114 -5.56 -15.54 -8.27
C ASP A 114 -4.50 -16.57 -7.88
N ARG A 115 -3.98 -16.46 -6.67
CA ARG A 115 -2.93 -17.34 -6.20
C ARG A 115 -2.97 -17.54 -4.69
N PRO A 116 -3.72 -18.55 -4.23
CA PRO A 116 -3.94 -18.87 -2.82
C PRO A 116 -2.64 -19.05 -2.03
N GLU A 117 -1.61 -19.59 -2.69
CA GLU A 117 -0.37 -19.93 -2.00
C GLU A 117 0.41 -18.72 -1.51
N ALA A 118 0.18 -17.56 -2.13
CA ALA A 118 0.94 -16.37 -1.78
C ALA A 118 0.32 -15.61 -0.61
N SER A 119 0.94 -14.50 -0.23
CA SER A 119 0.39 -13.62 0.78
C SER A 119 0.01 -12.28 0.14
N ARG A 120 -1.10 -11.71 0.59
CA ARG A 120 -1.57 -10.45 0.05
C ARG A 120 -1.35 -9.32 1.06
N ILE A 121 -0.90 -8.18 0.56
CA ILE A 121 -0.62 -7.04 1.43
C ILE A 121 -1.11 -5.72 0.85
N ALA A 122 -2.00 -5.06 1.56
CA ALA A 122 -2.45 -3.73 1.19
C ALA A 122 -1.63 -2.71 1.95
N LEU A 123 -0.68 -2.08 1.26
CA LEU A 123 0.13 -1.04 1.87
C LEU A 123 -0.60 0.29 1.77
N LEU A 124 -1.27 0.67 2.85
CA LEU A 124 -2.10 1.87 2.85
C LEU A 124 -1.29 3.09 3.26
N LEU A 125 -0.80 3.82 2.25
CA LEU A 125 0.00 5.01 2.49
C LEU A 125 -0.92 6.23 2.64
N MET A 126 -1.20 6.61 3.88
CA MET A 126 -2.18 7.65 4.15
C MET A 126 -1.62 8.84 4.91
N ALA A 127 -2.28 9.98 4.78
CA ALA A 127 -1.82 11.22 5.41
C ALA A 127 -2.97 12.18 5.66
N SER A 128 -4.20 11.65 5.67
CA SER A 128 -5.36 12.51 5.82
C SER A 128 -6.50 11.83 6.57
N GLN A 129 -7.57 12.59 6.78
CA GLN A 129 -8.79 12.09 7.41
C GLN A 129 -9.96 12.26 6.46
N GLU A 130 -10.51 11.15 5.96
CA GLU A 130 -11.65 11.22 5.06
C GLU A 130 -12.85 11.82 5.81
N PRO A 131 -13.80 12.41 5.08
CA PRO A 131 -15.00 12.90 5.74
C PRO A 131 -15.63 11.77 6.57
N GLN A 132 -16.11 12.10 7.76
CA GLN A 132 -16.55 11.09 8.71
C GLN A 132 -17.71 10.22 8.20
N ARG A 133 -18.56 10.81 7.36
CA ARG A 133 -19.73 10.09 6.86
C ARG A 133 -19.35 9.00 5.86
N MET A 134 -18.13 9.05 5.36
CA MET A 134 -17.66 8.04 4.42
C MET A 134 -17.09 6.82 5.15
N SER A 135 -16.84 6.97 6.45
CA SER A 135 -16.27 5.89 7.25
C SER A 135 -17.32 4.85 7.66
N ARG A 136 -18.57 5.10 7.29
CA ARG A 136 -19.67 4.19 7.60
C ARG A 136 -19.25 2.73 7.60
N ASN A 137 -18.87 2.22 6.44
CA ASN A 137 -18.57 0.80 6.29
C ASN A 137 -17.09 0.49 6.30
N PHE A 138 -16.30 1.29 7.02
CA PHE A 138 -14.86 1.12 7.04
C PHE A 138 -14.45 -0.25 7.57
N VAL A 139 -14.73 -0.48 8.85
CA VAL A 139 -14.43 -1.76 9.48
C VAL A 139 -14.86 -2.91 8.57
N ARG A 140 -16.05 -2.77 8.00
CA ARG A 140 -16.59 -3.77 7.10
C ARG A 140 -15.55 -4.18 6.06
N TYR A 141 -14.92 -3.18 5.44
CA TYR A 141 -13.92 -3.44 4.40
C TYR A 141 -12.63 -4.02 4.98
N VAL A 142 -12.22 -3.52 6.13
CA VAL A 142 -11.04 -4.01 6.80
C VAL A 142 -11.22 -5.49 7.13
N GLN A 143 -12.38 -5.83 7.69
CA GLN A 143 -12.67 -7.21 8.07
C GLN A 143 -12.86 -8.10 6.85
N GLY A 144 -13.49 -7.54 5.83
CA GLY A 144 -13.69 -8.25 4.58
C GLY A 144 -12.36 -8.69 3.99
N LEU A 145 -11.34 -7.88 4.20
CA LEU A 145 -9.99 -8.19 3.74
C LEU A 145 -9.35 -9.24 4.64
N LYS A 146 -9.65 -9.17 5.93
CA LYS A 146 -9.12 -10.13 6.90
C LYS A 146 -9.52 -11.54 6.51
N LYS A 147 -10.77 -11.69 6.08
CA LYS A 147 -11.32 -12.98 5.70
C LYS A 147 -10.68 -13.50 4.42
N LYS A 148 -10.37 -12.59 3.49
CA LYS A 148 -9.70 -12.97 2.26
C LYS A 148 -8.19 -13.06 2.46
N LYS A 149 -7.78 -13.15 3.73
CA LYS A 149 -6.36 -13.25 4.08
C LYS A 149 -5.53 -12.16 3.40
N VAL A 150 -5.92 -10.91 3.59
CA VAL A 150 -5.17 -9.78 3.05
C VAL A 150 -4.70 -8.87 4.18
N ILE A 151 -3.40 -8.90 4.46
CA ILE A 151 -2.83 -8.06 5.48
C ILE A 151 -2.97 -6.59 5.09
N VAL A 152 -3.19 -5.73 6.07
CA VAL A 152 -3.27 -4.29 5.83
C VAL A 152 -2.25 -3.54 6.66
N ILE A 153 -1.41 -2.76 5.99
CA ILE A 153 -0.34 -2.05 6.67
C ILE A 153 -0.52 -0.54 6.56
N PRO A 154 -1.02 0.07 7.64
CA PRO A 154 -1.21 1.52 7.71
C PRO A 154 0.12 2.28 7.79
N VAL A 155 0.31 3.28 6.93
CA VAL A 155 1.49 4.13 7.01
C VAL A 155 1.09 5.58 7.30
N GLY A 156 1.29 5.99 8.55
CA GLY A 156 0.84 7.30 9.00
C GLY A 156 1.82 8.41 8.72
N ILE A 157 1.62 9.12 7.61
CA ILE A 157 2.51 10.20 7.22
C ILE A 157 1.92 11.56 7.55
N GLY A 158 2.53 12.29 8.47
CA GLY A 158 2.08 13.62 8.83
C GLY A 158 1.16 13.65 10.03
N PRO A 159 0.86 14.86 10.52
CA PRO A 159 0.02 15.08 11.72
C PRO A 159 -1.46 14.84 11.43
N HIS A 160 -1.81 14.71 10.16
CA HIS A 160 -3.21 14.57 9.77
C HIS A 160 -3.57 13.15 9.39
N ALA A 161 -2.61 12.23 9.49
CA ALA A 161 -2.87 10.82 9.25
C ALA A 161 -3.92 10.35 10.24
N ASN A 162 -5.03 9.82 9.73
CA ASN A 162 -6.12 9.39 10.60
C ASN A 162 -5.66 8.36 11.62
N LEU A 163 -5.30 8.85 12.81
CA LEU A 163 -4.78 8.01 13.87
C LEU A 163 -5.82 6.96 14.30
N LYS A 164 -7.07 7.40 14.40
CA LYS A 164 -8.15 6.51 14.80
C LYS A 164 -8.25 5.30 13.87
N GLN A 165 -8.37 5.57 12.57
CA GLN A 165 -8.45 4.50 11.58
C GLN A 165 -7.23 3.59 11.61
N ILE A 166 -6.04 4.17 11.81
CA ILE A 166 -4.82 3.39 11.90
C ILE A 166 -4.92 2.34 13.01
N ARG A 167 -5.22 2.79 14.21
CA ARG A 167 -5.42 1.90 15.35
C ARG A 167 -6.58 0.94 15.12
N LEU A 168 -7.63 1.45 14.48
CA LEU A 168 -8.81 0.63 14.20
C LEU A 168 -8.42 -0.52 13.30
N ILE A 169 -7.58 -0.24 12.31
CA ILE A 169 -7.06 -1.26 11.42
C ILE A 169 -6.19 -2.26 12.18
N GLU A 170 -5.25 -1.73 12.96
CA GLU A 170 -4.37 -2.58 13.76
C GLU A 170 -5.17 -3.60 14.56
N LYS A 171 -6.20 -3.12 15.26
CA LYS A 171 -7.01 -3.98 16.11
C LYS A 171 -7.60 -5.17 15.37
N GLN A 172 -8.06 -4.95 14.15
CA GLN A 172 -8.74 -6.00 13.39
C GLN A 172 -7.90 -7.26 13.25
N ALA A 173 -6.68 -7.11 12.74
CA ALA A 173 -5.80 -8.27 12.53
C ALA A 173 -4.46 -8.08 13.24
N PRO A 174 -3.96 -9.15 13.87
CA PRO A 174 -2.69 -9.12 14.58
C PRO A 174 -1.53 -8.72 13.68
N GLU A 175 -1.54 -9.23 12.44
CA GLU A 175 -0.47 -8.91 11.51
CA GLU A 175 -0.48 -8.92 11.48
C GLU A 175 -0.71 -7.58 10.78
N ASN A 176 -1.63 -6.78 11.32
CA ASN A 176 -1.89 -5.45 10.79
C ASN A 176 -1.05 -4.41 11.49
N LYS A 177 0.26 -4.61 11.49
CA LYS A 177 1.18 -3.66 12.09
C LYS A 177 1.15 -2.35 11.32
N ALA A 178 1.42 -1.25 12.02
CA ALA A 178 1.37 0.08 11.41
C ALA A 178 2.68 0.84 11.61
N PHE A 179 2.99 1.72 10.65
CA PHE A 179 4.17 2.57 10.74
C PHE A 179 3.73 4.02 10.81
N VAL A 180 3.99 4.68 11.94
CA VAL A 180 3.59 6.06 12.12
C VAL A 180 4.77 7.01 11.94
N LEU A 181 4.78 7.72 10.83
CA LEU A 181 5.91 8.59 10.48
C LEU A 181 5.60 10.06 10.71
N SER A 182 6.65 10.86 10.88
CA SER A 182 6.53 12.29 11.15
C SER A 182 6.19 13.07 9.88
N SER A 183 6.76 12.63 8.76
CA SER A 183 6.51 13.27 7.47
C SER A 183 6.99 12.38 6.34
N VAL A 184 6.84 12.85 5.11
CA VAL A 184 7.30 12.10 3.96
C VAL A 184 8.82 11.95 4.01
N ASP A 185 9.46 12.81 4.79
CA ASP A 185 10.91 12.76 4.96
C ASP A 185 11.33 11.45 5.62
N GLU A 186 10.71 11.14 6.75
CA GLU A 186 11.06 9.95 7.53
C GLU A 186 10.76 8.67 6.75
N LEU A 187 10.03 8.80 5.65
CA LEU A 187 9.70 7.65 4.82
C LEU A 187 10.95 6.86 4.42
N GLU A 188 11.90 7.55 3.81
CA GLU A 188 13.14 6.92 3.37
C GLU A 188 13.91 6.31 4.54
N GLN A 189 13.95 7.05 5.64
CA GLN A 189 14.70 6.62 6.82
C GLN A 189 14.28 5.25 7.35
N GLN A 190 13.14 4.76 6.88
CA GLN A 190 12.65 3.46 7.32
C GLN A 190 12.39 2.51 6.15
N ARG A 191 13.03 2.77 5.02
CA ARG A 191 12.89 1.92 3.84
C ARG A 191 13.21 0.47 4.18
N ASP A 192 14.35 0.24 4.81
CA ASP A 192 14.78 -1.11 5.16
C ASP A 192 13.76 -1.79 6.08
N GLU A 193 13.47 -1.15 7.21
CA GLU A 193 12.57 -1.72 8.21
C GLU A 193 11.20 -2.05 7.65
N ILE A 194 10.70 -1.19 6.76
CA ILE A 194 9.40 -1.43 6.13
C ILE A 194 9.46 -2.56 5.11
N VAL A 195 10.32 -2.41 4.11
CA VAL A 195 10.48 -3.42 3.07
C VAL A 195 10.74 -4.79 3.66
N SER A 196 11.57 -4.83 4.71
CA SER A 196 11.86 -6.07 5.39
C SER A 196 10.59 -6.70 5.95
N TYR A 197 9.88 -5.92 6.76
CA TYR A 197 8.66 -6.42 7.38
C TYR A 197 7.69 -6.99 6.36
N LEU A 198 7.49 -6.27 5.26
CA LEU A 198 6.57 -6.72 4.21
C LEU A 198 7.03 -8.02 3.58
N CYS A 199 8.28 -8.05 3.14
CA CYS A 199 8.87 -9.24 2.54
C CYS A 199 8.87 -10.42 3.52
N ASP A 200 9.37 -10.17 4.72
CA ASP A 200 9.47 -11.21 5.74
C ASP A 200 8.12 -11.77 6.15
N LEU A 201 7.05 -11.14 5.67
CA LEU A 201 5.69 -11.63 5.93
C LEU A 201 5.19 -12.52 4.81
N ALA A 202 6.06 -12.81 3.86
CA ALA A 202 5.68 -13.66 2.72
C ALA A 202 6.41 -15.00 2.78
N PRO A 203 5.77 -16.05 2.26
CA PRO A 203 6.36 -17.40 2.22
C PRO A 203 7.33 -17.54 1.05
N GLU A 204 8.56 -17.96 1.33
CA GLU A 204 9.51 -18.26 0.27
C GLU A 204 9.17 -19.60 -0.38
N ALA A 205 8.97 -19.59 -1.70
CA ALA A 205 8.50 -20.75 -2.45
C ALA A 205 9.30 -22.03 -2.17
N PRO A 206 8.63 -23.19 -2.27
CA PRO A 206 9.23 -24.50 -2.04
C PRO A 206 10.49 -24.73 -2.87
#